data_4C2L
#
_entry.id   4C2L
#
_cell.length_a   76.440
_cell.length_b   121.180
_cell.length_c   129.670
_cell.angle_alpha   90.00
_cell.angle_beta   90.00
_cell.angle_gamma   90.00
#
_symmetry.space_group_name_H-M   'I 2 2 2'
#
loop_
_entity.id
_entity.type
_entity.pdbx_description
1 polymer 'ENDO-XYLOGALACTURONAN HYDROLASE A'
2 branched 2-acetamido-2-deoxy-beta-D-glucopyranose-(1-4)-2-acetamido-2-deoxy-beta-D-glucopyranose
3 non-polymer alpha-D-mannopyranose
4 non-polymer 2-acetamido-2-deoxy-beta-D-glucopyranose
5 non-polymer 'SULFATE ION'
6 non-polymer GLYCEROL
7 water water
#
_entity_poly.entity_id   1
_entity_poly.type   'polypeptide(L)'
_entity_poly.pdbx_seq_one_letter_code
;APSKVQRAPDSSIHARAVCTPTAGGDSSTDDVPAITEALSSCGNGGTIVFPEGSTYYLNSVLDLGSCSDCDIQVEGLLKF
ASDTDYWSGRTAMISVSNVDGLKLRSLTGSGVIDGNGQDAWDLFASDSSYSRPTLLYITGGSNLEISGLRQKNPPNVFNS
VKGGATNVVFSNLKMDANSKSDNPPKNTDGFDIGESTYVTITEVTVVNDDDCVAFKPSSNYVTVDTISCTGSHGISVGSL
GKSSDDSVKNIYVTGATMINSTKAAGIKTYPSGGDHGTSTVSNVTFNDFTVDNSDYAFQIQSCYGEDDDYCEENPGNAKL
TDIVVSSFSGTTSDKYDPVVANLDCGADGTCGISISGFDVKAPSGKSEVLCANTPSDLGVTCTSGASG
;
_entity_poly.pdbx_strand_id   A
#
loop_
_chem_comp.id
_chem_comp.type
_chem_comp.name
_chem_comp.formula
GOL non-polymer GLYCEROL 'C3 H8 O3'
MAN D-saccharide, alpha linking alpha-D-mannopyranose 'C6 H12 O6'
NAG D-saccharide, beta linking 2-acetamido-2-deoxy-beta-D-glucopyranose 'C8 H15 N O6'
SO4 non-polymer 'SULFATE ION' 'O4 S -2'
#
# COMPACT_ATOMS: atom_id res chain seq x y z
N ALA A 17 -26.48 -4.52 -21.17
CA ALA A 17 -27.55 -3.67 -20.56
C ALA A 17 -27.00 -2.82 -19.41
N VAL A 18 -27.70 -1.74 -19.09
CA VAL A 18 -27.30 -0.82 -18.03
C VAL A 18 -28.30 -0.86 -16.88
N CYS A 19 -27.82 -1.00 -15.65
CA CYS A 19 -28.68 -1.11 -14.48
C CYS A 19 -28.31 0.01 -13.51
N THR A 20 -29.31 0.67 -12.94
CA THR A 20 -29.04 1.61 -11.86
C THR A 20 -29.63 1.07 -10.57
N PRO A 21 -28.77 0.75 -9.57
CA PRO A 21 -29.33 0.20 -8.32
C PRO A 21 -30.26 1.17 -7.64
N THR A 22 -31.33 0.63 -7.06
CA THR A 22 -32.26 1.44 -6.30
C THR A 22 -31.63 1.96 -5.03
N ALA A 23 -31.59 3.28 -4.87
CA ALA A 23 -31.07 3.89 -3.67
C ALA A 23 -32.21 3.99 -2.65
N GLY A 24 -32.01 3.41 -1.46
CA GLY A 24 -33.02 3.44 -0.39
C GLY A 24 -33.17 4.82 0.24
N GLY A 25 -32.14 5.65 0.11
CA GLY A 25 -32.15 7.03 0.60
C GLY A 25 -32.05 7.19 2.10
N ASP A 26 -31.71 6.13 2.81
CA ASP A 26 -31.59 6.23 4.26
C ASP A 26 -30.51 5.32 4.84
N SER A 27 -29.70 5.87 5.74
CA SER A 27 -28.55 5.14 6.27
C SER A 27 -28.96 3.93 7.09
N SER A 28 -30.21 3.88 7.55
CA SER A 28 -30.68 2.68 8.26
C SER A 28 -31.11 1.56 7.32
N THR A 29 -31.14 1.84 6.01
CA THR A 29 -31.48 0.82 5.03
C THR A 29 -30.25 0.44 4.22
N ASP A 30 -29.90 -0.84 4.28
CA ASP A 30 -28.74 -1.35 3.55
C ASP A 30 -29.06 -1.39 2.06
N ASP A 31 -28.25 -0.70 1.24
CA ASP A 31 -28.41 -0.74 -0.21
C ASP A 31 -27.65 -1.88 -0.90
N VAL A 32 -26.84 -2.61 -0.15
CA VAL A 32 -26.04 -3.68 -0.75
C VAL A 32 -26.89 -4.68 -1.58
N PRO A 33 -28.06 -5.13 -1.06
CA PRO A 33 -28.79 -6.09 -1.90
C PRO A 33 -29.23 -5.52 -3.24
N ALA A 34 -29.68 -4.26 -3.26
CA ALA A 34 -30.04 -3.59 -4.50
C ALA A 34 -28.86 -3.51 -5.45
N ILE A 35 -27.67 -3.25 -4.91
CA ILE A 35 -26.45 -3.16 -5.71
C ILE A 35 -26.06 -4.53 -6.30
N THR A 36 -26.06 -5.59 -5.49
CA THR A 36 -25.69 -6.89 -6.02
C THR A 36 -26.72 -7.45 -6.97
N GLU A 37 -27.99 -7.09 -6.79
CA GLU A 37 -29.00 -7.52 -7.75
C GLU A 37 -28.78 -6.83 -9.09
N ALA A 38 -28.44 -5.54 -9.06
CA ALA A 38 -28.11 -4.82 -10.28
C ALA A 38 -26.89 -5.44 -10.97
N LEU A 39 -25.87 -5.77 -10.17
CA LEU A 39 -24.68 -6.42 -10.72
C LEU A 39 -25.02 -7.80 -11.29
N SER A 40 -25.84 -8.56 -10.58
CA SER A 40 -26.23 -9.88 -11.08
C SER A 40 -27.02 -9.76 -12.38
N SER A 41 -27.87 -8.76 -12.45
CA SER A 41 -28.73 -8.58 -13.61
C SER A 41 -27.93 -8.09 -14.85
N CYS A 42 -27.04 -7.12 -14.65
CA CYS A 42 -26.32 -6.45 -15.74
C CYS A 42 -24.83 -6.79 -15.85
N GLY A 43 -24.28 -7.48 -14.86
CA GLY A 43 -22.84 -7.66 -14.74
C GLY A 43 -22.16 -8.62 -15.70
N ASN A 44 -22.94 -9.37 -16.48
CA ASN A 44 -22.39 -10.20 -17.53
C ASN A 44 -22.20 -9.36 -18.79
N GLY A 45 -21.13 -8.58 -18.80
CA GLY A 45 -20.83 -7.73 -19.94
C GLY A 45 -21.52 -6.38 -19.99
N GLY A 46 -22.27 -6.05 -18.95
CA GLY A 46 -23.03 -4.80 -18.90
C GLY A 46 -22.47 -3.75 -17.97
N THR A 47 -23.33 -2.80 -17.62
CA THR A 47 -22.93 -1.63 -16.86
C THR A 47 -23.87 -1.37 -15.69
N ILE A 48 -23.26 -1.02 -14.56
CA ILE A 48 -23.99 -0.59 -13.39
C ILE A 48 -23.60 0.84 -13.09
N VAL A 49 -24.58 1.69 -12.85
CA VAL A 49 -24.34 3.13 -12.69
C VAL A 49 -24.80 3.60 -11.30
N PHE A 50 -23.90 4.24 -10.57
CA PHE A 50 -24.30 4.99 -9.40
C PHE A 50 -24.28 6.46 -9.82
N PRO A 51 -25.47 7.07 -10.02
CA PRO A 51 -25.51 8.39 -10.64
C PRO A 51 -24.83 9.50 -9.86
N GLU A 52 -24.38 10.51 -10.61
CA GLU A 52 -23.86 11.72 -9.99
C GLU A 52 -24.87 12.32 -9.02
N GLY A 53 -24.40 12.72 -7.85
CA GLY A 53 -25.24 13.31 -6.80
C GLY A 53 -25.98 12.30 -5.94
N SER A 54 -25.82 11.01 -6.25
CA SER A 54 -26.49 9.97 -5.43
C SER A 54 -25.68 9.62 -4.17
N THR A 55 -26.36 9.07 -3.17
CA THR A 55 -25.68 8.51 -1.99
C THR A 55 -26.27 7.13 -1.71
N TYR A 56 -25.41 6.13 -1.67
CA TYR A 56 -25.81 4.77 -1.34
C TYR A 56 -25.18 4.40 0.00
N TYR A 57 -25.94 3.67 0.82
CA TYR A 57 -25.52 3.31 2.17
C TYR A 57 -25.22 1.83 2.14
N LEU A 58 -23.97 1.49 2.39
CA LEU A 58 -23.57 0.09 2.29
C LEU A 58 -23.32 -0.39 3.71
N ASN A 59 -24.22 -1.21 4.23
CA ASN A 59 -24.15 -1.57 5.64
C ASN A 59 -23.67 -3.00 5.86
N SER A 60 -23.09 -3.58 4.82
CA SER A 60 -22.57 -4.95 4.85
C SER A 60 -21.52 -5.09 3.76
N VAL A 61 -20.85 -6.25 3.72
CA VAL A 61 -19.85 -6.50 2.68
C VAL A 61 -20.49 -6.41 1.29
N LEU A 62 -19.87 -5.68 0.38
CA LEU A 62 -20.31 -5.61 -1.02
C LEU A 62 -19.47 -6.56 -1.84
N ASP A 63 -20.10 -7.63 -2.31
CA ASP A 63 -19.38 -8.65 -3.05
C ASP A 63 -19.62 -8.43 -4.54
N LEU A 64 -18.55 -8.24 -5.29
CA LEU A 64 -18.64 -7.93 -6.72
C LEU A 64 -18.49 -9.16 -7.62
N GLY A 65 -18.67 -10.33 -7.03
CA GLY A 65 -18.38 -11.58 -7.72
C GLY A 65 -19.18 -11.86 -8.98
N SER A 66 -20.34 -11.24 -9.15
CA SER A 66 -21.15 -11.53 -10.35
C SER A 66 -20.67 -10.73 -11.58
N CYS A 67 -19.67 -9.90 -11.38
CA CYS A 67 -19.09 -9.12 -12.46
C CYS A 67 -18.34 -10.05 -13.40
N SER A 68 -18.65 -9.97 -14.69
CA SER A 68 -17.86 -10.68 -15.69
C SER A 68 -17.77 -9.75 -16.90
N ASP A 69 -16.63 -9.09 -17.05
CA ASP A 69 -16.45 -8.02 -18.04
C ASP A 69 -17.48 -6.93 -17.84
N CYS A 70 -17.69 -6.56 -16.58
CA CYS A 70 -18.68 -5.56 -16.23
C CYS A 70 -18.02 -4.21 -16.04
N ASP A 71 -18.83 -3.17 -16.10
CA ASP A 71 -18.37 -1.81 -15.91
C ASP A 71 -19.21 -1.18 -14.80
N ILE A 72 -18.57 -0.86 -13.67
CA ILE A 72 -19.25 -0.27 -12.52
C ILE A 72 -18.86 1.21 -12.44
N GLN A 73 -19.79 2.08 -12.79
CA GLN A 73 -19.53 3.51 -12.85
C GLN A 73 -20.01 4.19 -11.57
N VAL A 74 -19.06 4.57 -10.74
CA VAL A 74 -19.38 5.19 -9.46
C VAL A 74 -19.25 6.69 -9.64
N GLU A 75 -20.38 7.40 -9.73
CA GLU A 75 -20.33 8.86 -9.83
C GLU A 75 -20.83 9.55 -8.57
N GLY A 76 -21.47 8.77 -7.69
CA GLY A 76 -21.98 9.29 -6.43
C GLY A 76 -21.14 8.83 -5.26
N LEU A 77 -21.76 8.87 -4.09
CA LEU A 77 -21.11 8.51 -2.84
C LEU A 77 -21.57 7.12 -2.41
N LEU A 78 -20.62 6.22 -2.17
CA LEU A 78 -20.92 4.93 -1.55
C LEU A 78 -20.40 5.04 -0.14
N LYS A 79 -21.31 5.10 0.82
CA LYS A 79 -20.91 5.32 2.19
C LYS A 79 -21.11 4.06 3.01
N PHE A 80 -20.00 3.47 3.45
CA PHE A 80 -20.08 2.30 4.34
C PHE A 80 -20.48 2.67 5.76
N ALA A 81 -21.24 1.77 6.40
CA ALA A 81 -21.53 1.89 7.82
C ALA A 81 -20.25 1.71 8.64
N SER A 82 -20.13 2.46 9.74
CA SER A 82 -19.01 2.25 10.67
C SER A 82 -19.15 0.93 11.43
N ASP A 83 -20.39 0.57 11.77
CA ASP A 83 -20.78 -0.65 12.52
C ASP A 83 -19.59 -1.53 12.93
N THR A 84 -18.88 -1.14 13.99
CA THR A 84 -17.66 -1.88 14.32
C THR A 84 -17.89 -3.34 14.72
N ASP A 85 -19.04 -3.65 15.32
CA ASP A 85 -19.37 -5.04 15.65
C ASP A 85 -19.50 -5.86 14.38
N TYR A 86 -20.15 -5.29 13.36
CA TYR A 86 -20.32 -6.02 12.10
C TYR A 86 -18.97 -6.29 11.41
N TRP A 87 -18.16 -5.25 11.31
CA TRP A 87 -16.90 -5.35 10.56
C TRP A 87 -15.82 -6.11 11.27
N SER A 88 -16.01 -6.35 12.57
CA SER A 88 -15.00 -7.03 13.39
C SER A 88 -14.50 -8.35 12.76
N GLY A 89 -13.20 -8.41 12.48
CA GLY A 89 -12.58 -9.61 11.92
C GLY A 89 -12.90 -9.93 10.47
N ARG A 90 -13.65 -9.05 9.80
CA ARG A 90 -14.00 -9.29 8.40
C ARG A 90 -12.84 -8.97 7.47
N THR A 91 -12.75 -9.72 6.38
CA THR A 91 -11.66 -9.54 5.43
C THR A 91 -11.77 -8.27 4.58
N ALA A 92 -12.96 -8.03 4.03
CA ALA A 92 -13.13 -7.06 2.95
C ALA A 92 -14.43 -6.28 3.11
N MET A 93 -14.39 -5.00 2.76
CA MET A 93 -15.62 -4.22 2.66
C MET A 93 -16.19 -4.35 1.26
N ILE A 94 -15.32 -4.20 0.26
CA ILE A 94 -15.67 -4.56 -1.13
C ILE A 94 -14.81 -5.76 -1.50
N SER A 95 -15.47 -6.88 -1.79
CA SER A 95 -14.75 -8.13 -2.06
C SER A 95 -14.79 -8.43 -3.56
N VAL A 96 -13.60 -8.60 -4.17
CA VAL A 96 -13.50 -8.84 -5.60
C VAL A 96 -12.71 -10.13 -5.74
N SER A 97 -13.43 -11.26 -5.71
CA SER A 97 -12.79 -12.56 -5.66
C SER A 97 -12.98 -13.30 -6.98
N ASN A 98 -11.88 -13.65 -7.62
CA ASN A 98 -11.94 -14.41 -8.88
C ASN A 98 -12.83 -13.74 -9.93
N VAL A 99 -12.65 -12.44 -10.11
CA VAL A 99 -13.43 -11.72 -11.09
C VAL A 99 -12.53 -11.53 -12.30
N ASP A 100 -13.06 -11.87 -13.48
CA ASP A 100 -12.35 -11.65 -14.73
C ASP A 100 -13.03 -10.55 -15.51
N GLY A 101 -12.36 -9.40 -15.62
CA GLY A 101 -12.89 -8.28 -16.39
C GLY A 101 -13.76 -7.41 -15.54
N LEU A 102 -13.17 -6.42 -14.90
CA LEU A 102 -13.93 -5.49 -14.12
C LEU A 102 -13.38 -4.09 -14.37
N LYS A 103 -14.28 -3.14 -14.48
CA LYS A 103 -13.90 -1.73 -14.39
C LYS A 103 -14.69 -1.15 -13.23
N LEU A 104 -13.99 -0.63 -12.24
CA LEU A 104 -14.62 0.04 -11.13
C LEU A 104 -14.11 1.46 -11.21
N ARG A 105 -14.95 2.36 -11.66
CA ARG A 105 -14.41 3.66 -12.07
C ARG A 105 -15.37 4.80 -11.91
N SER A 106 -14.84 6.00 -11.72
CA SER A 106 -15.66 7.19 -11.81
C SER A 106 -15.29 7.86 -13.11
N LEU A 107 -16.26 7.99 -14.02
CA LEU A 107 -15.99 8.64 -15.31
C LEU A 107 -16.13 10.16 -15.21
N THR A 108 -16.83 10.64 -14.21
CA THR A 108 -16.94 12.09 -13.98
C THR A 108 -15.82 12.61 -13.09
N GLY A 109 -15.27 11.71 -12.27
CA GLY A 109 -14.33 12.09 -11.22
C GLY A 109 -14.98 12.46 -9.89
N SER A 110 -16.32 12.37 -9.81
CA SER A 110 -17.04 12.78 -8.61
CA SER A 110 -17.03 12.78 -8.60
C SER A 110 -17.28 11.62 -7.65
N GLY A 111 -17.01 10.40 -8.11
CA GLY A 111 -17.31 9.20 -7.29
C GLY A 111 -16.44 9.11 -6.04
N VAL A 112 -17.06 8.74 -4.92
CA VAL A 112 -16.35 8.62 -3.66
C VAL A 112 -16.78 7.33 -2.97
N ILE A 113 -15.80 6.55 -2.50
CA ILE A 113 -16.08 5.38 -1.65
C ILE A 113 -15.59 5.79 -0.28
N ASP A 114 -16.51 5.90 0.67
CA ASP A 114 -16.22 6.38 2.01
C ASP A 114 -16.25 5.17 2.96
N GLY A 115 -15.08 4.77 3.45
CA GLY A 115 -14.98 3.66 4.40
C GLY A 115 -15.43 3.95 5.81
N ASN A 116 -15.67 5.23 6.12
CA ASN A 116 -16.25 5.66 7.39
C ASN A 116 -15.45 5.11 8.57
N GLY A 117 -14.13 5.28 8.49
CA GLY A 117 -13.20 4.57 9.36
C GLY A 117 -12.99 5.12 10.75
N GLN A 118 -13.56 6.29 11.07
CA GLN A 118 -13.22 6.95 12.34
C GLN A 118 -13.45 6.04 13.55
N ASP A 119 -14.62 5.41 13.60
CA ASP A 119 -14.93 4.58 14.75
C ASP A 119 -13.93 3.43 14.90
N ALA A 120 -13.54 2.84 13.77
CA ALA A 120 -12.56 1.76 13.76
C ALA A 120 -11.22 2.27 14.28
N TRP A 121 -10.81 3.47 13.87
CA TRP A 121 -9.51 3.96 14.35
C TRP A 121 -9.53 4.20 15.83
N ASP A 122 -10.64 4.71 16.33
CA ASP A 122 -10.74 5.00 17.76
C ASP A 122 -10.81 3.72 18.59
N LEU A 123 -11.54 2.73 18.09
CA LEU A 123 -11.61 1.43 18.75
C LEU A 123 -10.24 0.74 18.75
N PHE A 124 -9.60 0.71 17.59
CA PHE A 124 -8.27 0.11 17.50
C PHE A 124 -7.27 0.79 18.45
N ALA A 125 -7.38 2.11 18.60
CA ALA A 125 -6.48 2.87 19.46
C ALA A 125 -6.57 2.41 20.92
N SER A 126 -7.77 2.03 21.37
CA SER A 126 -7.97 1.56 22.75
CA SER A 126 -7.97 1.57 22.74
C SER A 126 -7.81 0.05 22.87
N ASP A 127 -7.98 -0.67 21.77
CA ASP A 127 -7.98 -2.13 21.78
C ASP A 127 -7.29 -2.66 20.51
N SER A 128 -6.00 -2.97 20.63
CA SER A 128 -5.22 -3.37 19.48
C SER A 128 -5.63 -4.75 18.93
N SER A 129 -6.52 -5.46 19.64
CA SER A 129 -6.98 -6.76 19.15
C SER A 129 -8.13 -6.60 18.14
N TYR A 130 -8.64 -5.37 17.99
CA TYR A 130 -9.72 -5.13 17.03
C TYR A 130 -9.19 -5.32 15.60
N SER A 131 -9.83 -6.20 14.83
CA SER A 131 -9.40 -6.59 13.51
C SER A 131 -10.33 -5.92 12.48
N ARG A 132 -9.73 -5.16 11.58
CA ARG A 132 -10.48 -4.31 10.62
C ARG A 132 -10.37 -4.83 9.18
N PRO A 133 -11.42 -4.62 8.38
CA PRO A 133 -11.41 -5.05 6.98
C PRO A 133 -10.63 -4.11 6.06
N THR A 134 -10.19 -4.66 4.92
CA THR A 134 -9.64 -3.87 3.80
C THR A 134 -10.77 -3.30 2.98
N LEU A 135 -10.61 -2.06 2.52
CA LEU A 135 -11.69 -1.38 1.81
C LEU A 135 -11.97 -2.02 0.43
N LEU A 136 -10.94 -2.19 -0.40
CA LEU A 136 -11.08 -2.83 -1.71
C LEU A 136 -10.11 -4.01 -1.76
N TYR A 137 -10.68 -5.20 -1.72
CA TYR A 137 -9.89 -6.41 -1.52
C TYR A 137 -10.03 -7.27 -2.76
N ILE A 138 -8.95 -7.37 -3.52
CA ILE A 138 -8.94 -8.10 -4.78
C ILE A 138 -8.15 -9.38 -4.57
N THR A 139 -8.76 -10.53 -4.87
CA THR A 139 -8.04 -11.78 -4.75
C THR A 139 -8.33 -12.65 -5.95
N GLY A 140 -7.27 -13.11 -6.62
CA GLY A 140 -7.47 -13.87 -7.85
C GLY A 140 -8.06 -13.03 -8.97
N GLY A 141 -8.51 -13.70 -10.03
CA GLY A 141 -9.10 -13.05 -11.18
C GLY A 141 -8.08 -12.34 -12.06
N SER A 142 -8.58 -11.51 -12.96
CA SER A 142 -7.76 -10.91 -13.99
C SER A 142 -8.44 -9.70 -14.63
N ASN A 143 -7.62 -8.84 -15.24
CA ASN A 143 -8.11 -7.72 -16.03
C ASN A 143 -9.06 -6.83 -15.23
N LEU A 144 -8.53 -6.25 -14.17
CA LEU A 144 -9.30 -5.39 -13.29
C LEU A 144 -8.75 -3.99 -13.39
N GLU A 145 -9.65 -3.02 -13.51
CA GLU A 145 -9.25 -1.63 -13.68
C GLU A 145 -10.03 -0.81 -12.64
N ILE A 146 -9.30 -0.04 -11.84
CA ILE A 146 -9.86 0.78 -10.79
C ILE A 146 -9.36 2.20 -11.02
N SER A 147 -10.28 3.14 -11.26
CA SER A 147 -9.83 4.45 -11.71
C SER A 147 -10.78 5.61 -11.45
N GLY A 148 -10.20 6.79 -11.31
CA GLY A 148 -10.93 8.03 -11.31
C GLY A 148 -11.63 8.42 -10.04
N LEU A 149 -11.53 7.59 -9.01
CA LEU A 149 -12.37 7.82 -7.85
C LEU A 149 -11.57 8.19 -6.63
N ARG A 150 -12.26 8.65 -5.59
CA ARG A 150 -11.68 8.95 -4.31
C ARG A 150 -12.05 7.83 -3.33
N GLN A 151 -11.06 7.39 -2.56
CA GLN A 151 -11.31 6.51 -1.43
C GLN A 151 -11.03 7.31 -0.18
N LYS A 152 -12.02 7.36 0.71
CA LYS A 152 -12.00 8.23 1.88
C LYS A 152 -12.11 7.42 3.17
N ASN A 153 -11.18 7.65 4.10
CA ASN A 153 -11.27 7.13 5.47
C ASN A 153 -11.56 5.63 5.58
N PRO A 154 -10.70 4.79 4.99
CA PRO A 154 -10.83 3.34 5.19
C PRO A 154 -10.54 3.00 6.65
N PRO A 155 -11.23 1.99 7.20
CA PRO A 155 -10.91 1.57 8.58
C PRO A 155 -9.46 1.09 8.70
N ASN A 156 -8.91 0.57 7.61
CA ASN A 156 -7.59 -0.11 7.64
C ASN A 156 -7.02 0.05 6.23
N VAL A 157 -6.58 -1.03 5.58
CA VAL A 157 -5.91 -0.94 4.28
C VAL A 157 -6.90 -0.43 3.22
N PHE A 158 -6.43 0.45 2.33
CA PHE A 158 -7.29 0.93 1.23
C PHE A 158 -7.49 -0.19 0.20
N ASN A 159 -6.39 -0.67 -0.38
CA ASN A 159 -6.46 -1.61 -1.49
C ASN A 159 -5.48 -2.74 -1.26
N SER A 160 -5.93 -3.96 -1.52
CA SER A 160 -5.06 -5.13 -1.45
CA SER A 160 -5.00 -5.08 -1.51
C SER A 160 -5.25 -5.98 -2.71
N VAL A 161 -4.17 -6.58 -3.20
CA VAL A 161 -4.26 -7.47 -4.35
C VAL A 161 -3.48 -8.72 -3.97
N LYS A 162 -4.14 -9.87 -4.05
CA LYS A 162 -3.48 -11.12 -3.78
C LYS A 162 -4.16 -12.26 -4.52
N GLY A 163 -3.90 -13.50 -4.11
CA GLY A 163 -4.53 -14.67 -4.70
C GLY A 163 -4.19 -14.96 -6.16
N GLY A 164 -3.07 -14.40 -6.64
CA GLY A 164 -2.65 -14.62 -8.03
C GLY A 164 -3.41 -13.78 -9.05
N ALA A 165 -4.03 -12.68 -8.61
CA ALA A 165 -4.66 -11.73 -9.53
C ALA A 165 -3.65 -11.33 -10.59
N THR A 166 -4.12 -11.13 -11.83
CA THR A 166 -3.19 -10.69 -12.87
C THR A 166 -3.78 -9.56 -13.69
N ASN A 167 -2.94 -8.64 -14.15
CA ASN A 167 -3.38 -7.50 -14.96
C ASN A 167 -4.37 -6.62 -14.20
N VAL A 168 -3.87 -5.97 -13.16
CA VAL A 168 -4.68 -5.10 -12.32
C VAL A 168 -4.10 -3.70 -12.44
N VAL A 169 -4.96 -2.74 -12.76
CA VAL A 169 -4.49 -1.37 -12.93
C VAL A 169 -5.28 -0.40 -12.05
N PHE A 170 -4.56 0.38 -11.23
CA PHE A 170 -5.15 1.45 -10.41
C PHE A 170 -4.68 2.75 -11.04
N SER A 171 -5.61 3.60 -11.46
CA SER A 171 -5.22 4.86 -12.12
C SER A 171 -6.01 6.05 -11.64
N ASN A 172 -5.35 7.20 -11.49
CA ASN A 172 -6.06 8.45 -11.20
C ASN A 172 -6.93 8.33 -9.94
N LEU A 173 -6.34 7.84 -8.86
CA LEU A 173 -7.05 7.70 -7.60
C LEU A 173 -6.61 8.75 -6.60
N LYS A 174 -7.58 9.25 -5.84
CA LYS A 174 -7.30 10.14 -4.72
C LYS A 174 -7.67 9.40 -3.44
N MET A 175 -6.70 9.20 -2.56
CA MET A 175 -6.93 8.37 -1.38
C MET A 175 -6.52 9.15 -0.15
N ASP A 176 -7.45 9.26 0.80
CA ASP A 176 -7.15 10.05 1.98
C ASP A 176 -7.79 9.48 3.20
N ALA A 177 -7.02 9.43 4.28
CA ALA A 177 -7.50 9.03 5.59
C ALA A 177 -7.10 10.14 6.55
N ASN A 178 -8.09 10.81 7.15
CA ASN A 178 -7.87 11.89 8.11
C ASN A 178 -8.75 11.70 9.33
N SER A 179 -8.14 11.61 10.49
CA SER A 179 -8.86 11.44 11.74
C SER A 179 -9.37 12.78 12.26
N LYS A 180 -10.59 12.77 12.77
CA LYS A 180 -11.20 13.93 13.42
C LYS A 180 -10.80 14.02 14.90
N SER A 181 -10.02 13.07 15.38
CA SER A 181 -9.60 13.06 16.78
C SER A 181 -8.08 13.00 16.86
N ASP A 182 -7.56 12.69 18.04
CA ASP A 182 -6.13 12.56 18.26
C ASP A 182 -5.64 11.17 17.92
N ASN A 183 -6.56 10.24 17.66
CA ASN A 183 -6.17 8.89 17.26
C ASN A 183 -5.90 8.86 15.77
N PRO A 184 -4.68 8.44 15.37
CA PRO A 184 -4.36 8.44 13.94
C PRO A 184 -5.05 7.30 13.17
N PRO A 185 -5.14 7.44 11.85
CA PRO A 185 -5.71 6.37 11.01
C PRO A 185 -4.67 5.27 10.80
N LYS A 186 -4.46 4.45 11.83
CA LYS A 186 -3.40 3.43 11.82
C LYS A 186 -3.59 2.40 10.71
N ASN A 187 -2.48 1.97 10.09
CA ASN A 187 -2.48 0.85 9.15
C ASN A 187 -3.34 1.10 7.93
N THR A 188 -3.44 2.37 7.52
CA THR A 188 -4.19 2.72 6.33
C THR A 188 -3.31 2.63 5.08
N ASP A 189 -2.67 1.45 4.88
CA ASP A 189 -1.79 1.26 3.71
C ASP A 189 -2.53 1.61 2.42
N GLY A 190 -1.88 2.32 1.50
CA GLY A 190 -2.53 2.62 0.23
C GLY A 190 -2.77 1.37 -0.61
N PHE A 191 -1.71 0.59 -0.81
CA PHE A 191 -1.78 -0.60 -1.67
C PHE A 191 -0.91 -1.65 -1.04
N ASP A 192 -1.51 -2.80 -0.72
CA ASP A 192 -0.73 -3.94 -0.26
C ASP A 192 -0.78 -4.92 -1.41
N ILE A 193 0.34 -5.05 -2.13
CA ILE A 193 0.36 -5.88 -3.35
C ILE A 193 1.07 -7.17 -3.03
N GLY A 194 0.29 -8.25 -2.94
CA GLY A 194 0.82 -9.58 -2.65
C GLY A 194 0.85 -10.44 -3.90
N GLU A 195 0.44 -11.69 -3.75
CA GLU A 195 0.54 -12.67 -4.82
C GLU A 195 -0.23 -12.22 -6.04
N SER A 196 0.51 -11.80 -7.06
CA SER A 196 -0.09 -11.22 -8.25
C SER A 196 0.99 -11.02 -9.29
N THR A 197 0.57 -10.77 -10.52
CA THR A 197 1.49 -10.37 -11.59
C THR A 197 0.86 -9.26 -12.41
N TYR A 198 1.70 -8.35 -12.90
CA TYR A 198 1.30 -7.26 -13.79
C TYR A 198 0.27 -6.35 -13.12
N VAL A 199 0.65 -5.84 -11.97
CA VAL A 199 -0.12 -4.81 -11.28
C VAL A 199 0.54 -3.47 -11.60
N THR A 200 -0.29 -2.49 -11.97
CA THR A 200 0.19 -1.13 -12.23
C THR A 200 -0.58 -0.15 -11.35
N ILE A 201 0.16 0.78 -10.75
CA ILE A 201 -0.42 1.83 -9.93
C ILE A 201 0.13 3.12 -10.51
N THR A 202 -0.76 3.99 -10.98
CA THR A 202 -0.26 5.19 -11.67
C THR A 202 -1.16 6.39 -11.45
N GLU A 203 -0.51 7.54 -11.24
CA GLU A 203 -1.20 8.82 -11.04
C GLU A 203 -2.14 8.74 -9.85
N VAL A 204 -1.56 8.42 -8.70
CA VAL A 204 -2.35 8.32 -7.47
C VAL A 204 -1.81 9.26 -6.41
N THR A 205 -2.69 9.76 -5.56
CA THR A 205 -2.31 10.59 -4.44
CA THR A 205 -2.27 10.56 -4.40
C THR A 205 -2.80 9.90 -3.16
N VAL A 206 -1.93 9.79 -2.17
CA VAL A 206 -2.27 9.10 -0.91
C VAL A 206 -1.94 10.01 0.27
N VAL A 207 -2.92 10.17 1.15
CA VAL A 207 -2.69 10.82 2.43
C VAL A 207 -3.12 9.78 3.46
N ASN A 208 -2.17 9.28 4.24
CA ASN A 208 -2.49 8.19 5.17
C ASN A 208 -1.51 8.12 6.34
N ASP A 209 -1.42 6.97 6.99
CA ASP A 209 -0.55 6.84 8.15
C ASP A 209 0.16 5.49 8.17
N ASP A 210 0.35 4.90 6.99
CA ASP A 210 1.14 3.66 6.92
C ASP A 210 1.74 3.56 5.53
N ASP A 211 2.21 2.37 5.13
CA ASP A 211 2.83 2.25 3.81
C ASP A 211 1.99 2.86 2.71
N CYS A 212 2.64 3.61 1.84
CA CYS A 212 2.03 4.12 0.63
C CYS A 212 1.73 2.93 -0.29
N VAL A 213 2.78 2.19 -0.65
CA VAL A 213 2.66 0.94 -1.40
C VAL A 213 3.54 -0.03 -0.65
N ALA A 214 3.01 -1.21 -0.34
CA ALA A 214 3.79 -2.26 0.28
C ALA A 214 3.80 -3.44 -0.66
N PHE A 215 5.00 -3.91 -0.98
CA PHE A 215 5.14 -5.10 -1.76
C PHE A 215 5.27 -6.29 -0.84
N LYS A 216 4.25 -7.13 -0.89
CA LYS A 216 4.12 -8.24 0.03
C LYS A 216 4.57 -9.52 -0.68
N PRO A 217 4.69 -10.62 0.07
CA PRO A 217 5.18 -11.88 -0.50
C PRO A 217 4.45 -12.29 -1.77
N SER A 218 5.23 -12.76 -2.75
CA SER A 218 4.76 -13.21 -4.07
C SER A 218 4.31 -12.12 -5.04
N SER A 219 4.56 -10.84 -4.71
CA SER A 219 4.36 -9.81 -5.72
C SER A 219 5.44 -9.94 -6.80
N ASN A 220 5.02 -9.72 -8.05
CA ASN A 220 5.90 -9.91 -9.21
C ASN A 220 5.38 -9.05 -10.33
N TYR A 221 6.30 -8.35 -11.00
CA TYR A 221 5.96 -7.45 -12.11
C TYR A 221 4.94 -6.40 -11.67
N VAL A 222 5.39 -5.52 -10.78
CA VAL A 222 4.58 -4.38 -10.33
C VAL A 222 5.25 -3.11 -10.81
N THR A 223 4.46 -2.23 -11.41
CA THR A 223 4.93 -0.91 -11.80
C THR A 223 4.15 0.13 -11.04
N VAL A 224 4.86 1.07 -10.43
CA VAL A 224 4.23 2.19 -9.81
C VAL A 224 4.85 3.40 -10.53
N ASP A 225 4.01 4.21 -11.16
CA ASP A 225 4.52 5.36 -11.95
C ASP A 225 3.73 6.62 -11.61
N THR A 226 4.38 7.55 -10.91
CA THR A 226 3.79 8.85 -10.51
C THR A 226 2.83 8.69 -9.34
N ILE A 227 3.36 8.93 -8.17
CA ILE A 227 2.59 8.75 -6.95
C ILE A 227 3.03 9.82 -5.96
N SER A 228 2.06 10.36 -5.25
CA SER A 228 2.34 11.27 -4.16
CA SER A 228 2.33 11.29 -4.15
C SER A 228 1.81 10.66 -2.87
N CYS A 229 2.64 10.67 -1.83
CA CYS A 229 2.28 10.08 -0.53
C CYS A 229 2.62 11.07 0.59
N THR A 230 1.64 11.33 1.44
CA THR A 230 1.85 12.26 2.57
C THR A 230 1.53 11.58 3.87
N GLY A 231 2.49 11.57 4.80
CA GLY A 231 2.29 10.98 6.11
C GLY A 231 2.45 9.48 6.14
N SER A 232 2.97 8.92 5.04
CA SER A 232 3.07 7.47 4.90
C SER A 232 4.31 6.86 5.55
N HIS A 233 4.44 5.54 5.46
CA HIS A 233 5.65 4.84 5.88
C HIS A 233 6.49 4.45 4.69
N GLY A 234 6.17 5.03 3.54
CA GLY A 234 6.98 4.91 2.31
C GLY A 234 6.56 3.87 1.29
N ILE A 235 7.32 3.77 0.21
CA ILE A 235 7.18 2.73 -0.80
C ILE A 235 8.07 1.63 -0.25
N SER A 236 7.45 0.56 0.22
CA SER A 236 8.10 -0.35 1.14
C SER A 236 8.04 -1.80 0.66
N VAL A 237 9.18 -2.46 0.55
CA VAL A 237 9.18 -3.91 0.29
C VAL A 237 9.07 -4.59 1.65
N GLY A 238 8.04 -5.39 1.81
CA GLY A 238 7.87 -6.18 3.03
C GLY A 238 6.73 -5.75 3.95
N SER A 239 6.74 -6.21 5.20
CA SER A 239 7.81 -7.11 5.70
C SER A 239 7.77 -8.47 5.00
N LEU A 240 8.93 -9.09 4.91
CA LEU A 240 9.03 -10.44 4.37
C LEU A 240 9.69 -11.33 5.41
N GLY A 241 9.30 -12.60 5.42
CA GLY A 241 10.01 -13.62 6.20
C GLY A 241 9.43 -13.94 7.56
N LYS A 242 8.22 -13.43 7.87
CA LYS A 242 7.65 -13.59 9.21
C LYS A 242 7.53 -15.06 9.59
N SER A 243 7.00 -15.87 8.69
CA SER A 243 6.74 -17.28 9.00
C SER A 243 6.90 -18.21 7.79
N SER A 244 7.44 -17.68 6.70
CA SER A 244 7.67 -18.47 5.49
C SER A 244 8.77 -17.84 4.64
N ASP A 245 9.21 -18.58 3.63
CA ASP A 245 10.14 -18.08 2.66
C ASP A 245 9.35 -17.22 1.69
N ASP A 246 9.70 -15.94 1.61
CA ASP A 246 8.90 -14.96 0.88
C ASP A 246 9.75 -14.28 -0.16
N SER A 247 9.16 -13.99 -1.32
CA SER A 247 9.88 -13.27 -2.36
C SER A 247 9.11 -12.09 -2.92
N VAL A 248 9.85 -11.06 -3.33
CA VAL A 248 9.30 -9.92 -4.07
C VAL A 248 10.25 -9.73 -5.23
N LYS A 249 9.72 -9.68 -6.45
CA LYS A 249 10.59 -9.48 -7.61
C LYS A 249 10.04 -8.62 -8.71
N ASN A 250 10.96 -8.06 -9.51
CA ASN A 250 10.59 -7.39 -10.75
C ASN A 250 9.62 -6.24 -10.49
N ILE A 251 10.11 -5.31 -9.67
CA ILE A 251 9.33 -4.15 -9.24
C ILE A 251 9.96 -2.89 -9.80
N TYR A 252 9.14 -1.99 -10.35
CA TYR A 252 9.67 -0.74 -10.85
C TYR A 252 8.82 0.41 -10.32
N VAL A 253 9.45 1.32 -9.59
CA VAL A 253 8.74 2.45 -9.00
C VAL A 253 9.42 3.72 -9.49
N THR A 254 8.66 4.60 -10.11
CA THR A 254 9.24 5.87 -10.57
C THR A 254 8.31 7.05 -10.29
N GLY A 255 8.91 8.21 -10.04
CA GLY A 255 8.14 9.45 -9.91
C GLY A 255 7.35 9.55 -8.61
N ALA A 256 8.00 9.22 -7.50
CA ALA A 256 7.34 9.25 -6.20
C ALA A 256 7.66 10.52 -5.44
N THR A 257 6.63 11.24 -5.05
CA THR A 257 6.81 12.40 -4.18
C THR A 257 6.37 11.98 -2.78
N MET A 258 7.35 11.89 -1.88
CA MET A 258 7.16 11.37 -0.54
C MET A 258 7.30 12.53 0.44
N ILE A 259 6.18 12.89 1.05
CA ILE A 259 6.08 14.06 1.90
C ILE A 259 5.79 13.63 3.34
N ASN A 260 6.58 14.09 4.31
CA ASN A 260 6.32 13.81 5.71
C ASN A 260 6.15 12.32 5.99
N SER A 261 6.93 11.48 5.32
CA SER A 261 6.83 10.05 5.50
CA SER A 261 6.82 10.05 5.53
C SER A 261 7.94 9.55 6.44
N THR A 262 7.77 8.39 7.04
CA THR A 262 8.81 7.91 7.95
C THR A 262 10.06 7.49 7.16
N LYS A 263 9.84 6.93 5.98
CA LYS A 263 10.90 6.70 5.00
C LYS A 263 10.28 6.93 3.64
N ALA A 264 11.06 7.42 2.68
CA ALA A 264 10.56 7.56 1.33
C ALA A 264 10.42 6.17 0.71
N ALA A 265 11.39 5.32 0.99
CA ALA A 265 11.42 4.00 0.38
C ALA A 265 12.25 3.07 1.23
N GLY A 266 11.97 1.77 1.14
CA GLY A 266 12.80 0.85 1.89
C GLY A 266 12.46 -0.61 1.72
N ILE A 267 13.24 -1.43 2.40
CA ILE A 267 13.09 -2.89 2.41
C ILE A 267 13.09 -3.34 3.86
N LYS A 268 12.17 -4.23 4.25
CA LYS A 268 12.09 -4.71 5.62
C LYS A 268 11.99 -6.21 5.62
N THR A 269 12.94 -6.88 6.28
CA THR A 269 12.87 -8.34 6.35
C THR A 269 13.08 -8.78 7.80
N TYR A 270 12.45 -9.90 8.16
CA TYR A 270 12.66 -10.49 9.47
C TYR A 270 14.04 -11.14 9.52
N PRO A 271 14.64 -11.19 10.71
CA PRO A 271 15.90 -11.94 10.84
C PRO A 271 15.63 -13.45 10.84
N SER A 272 16.66 -14.26 11.09
CA SER A 272 16.46 -15.70 11.16
C SER A 272 15.97 -16.11 12.55
N GLY A 273 15.91 -17.41 12.80
CA GLY A 273 15.47 -17.92 14.10
C GLY A 273 13.96 -18.08 14.18
N GLY A 274 13.50 -18.78 15.21
CA GLY A 274 12.07 -18.99 15.42
C GLY A 274 11.42 -19.60 14.19
N ASP A 275 10.28 -19.04 13.80
CA ASP A 275 9.53 -19.52 12.66
C ASP A 275 9.79 -18.69 11.41
N HIS A 276 10.76 -17.78 11.49
CA HIS A 276 11.03 -16.87 10.38
C HIS A 276 11.56 -17.63 9.20
N GLY A 277 11.24 -17.16 8.01
CA GLY A 277 11.79 -17.73 6.79
C GLY A 277 12.82 -16.82 6.16
N THR A 278 13.26 -17.17 4.96
CA THR A 278 14.24 -16.35 4.26
C THR A 278 13.50 -15.50 3.26
N SER A 279 14.00 -14.29 3.06
CA SER A 279 13.39 -13.34 2.17
C SER A 279 14.27 -13.18 0.94
N THR A 280 13.65 -13.14 -0.22
CA THR A 280 14.36 -12.93 -1.47
C THR A 280 13.75 -11.72 -2.17
N VAL A 281 14.59 -10.73 -2.47
CA VAL A 281 14.09 -9.55 -3.18
C VAL A 281 15.00 -9.36 -4.37
N SER A 282 14.42 -9.43 -5.57
CA SER A 282 15.26 -9.31 -6.77
CA SER A 282 15.23 -9.37 -6.80
C SER A 282 14.69 -8.37 -7.81
N ASN A 283 15.57 -7.55 -8.38
CA ASN A 283 15.19 -6.62 -9.44
C ASN A 283 14.09 -5.66 -8.97
N VAL A 284 14.47 -4.78 -8.05
CA VAL A 284 13.58 -3.74 -7.56
C VAL A 284 14.26 -2.41 -7.81
N THR A 285 13.58 -1.53 -8.53
CA THR A 285 14.13 -0.19 -8.78
C THR A 285 13.23 0.89 -8.18
N PHE A 286 13.86 1.82 -7.45
CA PHE A 286 13.20 2.99 -6.92
C PHE A 286 13.86 4.15 -7.66
N ASN A 287 13.11 4.80 -8.54
CA ASN A 287 13.66 5.85 -9.41
C ASN A 287 12.92 7.18 -9.28
N ASP A 288 13.65 8.30 -9.36
CA ASP A 288 13.00 9.62 -9.44
C ASP A 288 12.09 9.87 -8.23
N PHE A 289 12.68 9.83 -7.05
CA PHE A 289 11.97 10.15 -5.81
C PHE A 289 12.29 11.56 -5.38
N THR A 290 11.23 12.25 -4.95
CA THR A 290 11.39 13.53 -4.27
C THR A 290 11.08 13.32 -2.81
N VAL A 291 12.06 13.64 -1.97
CA VAL A 291 11.93 13.51 -0.54
C VAL A 291 11.63 14.92 0.01
N ASP A 292 10.49 15.04 0.69
CA ASP A 292 10.09 16.32 1.28
C ASP A 292 9.78 16.10 2.75
N ASN A 293 10.78 16.35 3.59
CA ASN A 293 10.62 16.25 5.04
C ASN A 293 10.28 14.83 5.52
N SER A 294 10.75 13.82 4.79
CA SER A 294 10.63 12.43 5.24
C SER A 294 11.81 12.08 6.15
N ASP A 295 11.63 11.17 7.10
CA ASP A 295 12.67 10.94 8.12
C ASP A 295 13.95 10.30 7.55
N TYR A 296 13.78 9.32 6.68
CA TYR A 296 14.88 8.77 5.90
C TYR A 296 14.49 8.79 4.43
N ALA A 297 15.48 8.98 3.56
CA ALA A 297 15.27 8.86 2.15
C ALA A 297 15.15 7.36 1.78
N PHE A 298 16.00 6.55 2.38
CA PHE A 298 15.97 5.11 2.13
C PHE A 298 16.35 4.33 3.36
N GLN A 299 15.75 3.15 3.54
CA GLN A 299 16.06 2.38 4.72
C GLN A 299 16.02 0.90 4.39
N ILE A 300 17.01 0.17 4.92
CA ILE A 300 16.94 -1.27 4.89
C ILE A 300 16.91 -1.75 6.33
N GLN A 301 15.89 -2.54 6.63
CA GLN A 301 15.74 -3.17 7.93
C GLN A 301 15.91 -4.65 7.76
N SER A 302 16.83 -5.24 8.53
CA SER A 302 17.07 -6.67 8.48
C SER A 302 16.78 -7.34 9.81
N CYS A 303 16.38 -6.54 10.79
CA CYS A 303 16.06 -7.02 12.13
C CYS A 303 14.59 -6.69 12.45
N TYR A 304 13.75 -6.74 11.42
CA TYR A 304 12.35 -6.37 11.59
C TYR A 304 11.65 -7.29 12.58
N GLY A 305 10.92 -6.69 13.51
CA GLY A 305 10.11 -7.45 14.47
C GLY A 305 10.90 -8.04 15.62
N GLU A 306 12.17 -7.72 15.73
CA GLU A 306 13.02 -8.25 16.79
C GLU A 306 13.98 -7.17 17.31
N ASP A 307 14.72 -7.47 18.37
CA ASP A 307 15.70 -6.48 18.86
C ASP A 307 17.14 -6.81 18.50
N ASP A 308 18.05 -5.89 18.79
CA ASP A 308 19.47 -6.03 18.45
C ASP A 308 20.11 -7.30 18.97
N ASP A 309 19.85 -7.66 20.23
CA ASP A 309 20.44 -8.85 20.83
C ASP A 309 19.97 -10.14 20.15
N TYR A 310 18.71 -10.14 19.75
CA TYR A 310 18.13 -11.27 19.03
C TYR A 310 18.86 -11.44 17.69
N CYS A 311 19.10 -10.33 17.01
CA CYS A 311 19.70 -10.36 15.68
C CYS A 311 21.18 -10.70 15.69
N GLU A 312 21.85 -10.41 16.81
CA GLU A 312 23.22 -10.86 17.00
C GLU A 312 23.30 -12.39 17.03
N GLU A 313 22.36 -13.03 17.70
CA GLU A 313 22.30 -14.49 17.77
C GLU A 313 21.59 -15.13 16.57
N ASN A 314 20.73 -14.35 15.90
CA ASN A 314 19.96 -14.84 14.77
C ASN A 314 20.08 -13.88 13.59
N PRO A 315 21.19 -13.95 12.84
CA PRO A 315 21.44 -12.93 11.82
C PRO A 315 20.45 -12.99 10.68
N GLY A 316 20.26 -11.84 10.02
CA GLY A 316 19.45 -11.78 8.82
C GLY A 316 20.20 -12.40 7.66
N ASN A 317 19.49 -13.10 6.79
CA ASN A 317 20.10 -13.73 5.61
C ASN A 317 19.32 -13.46 4.33
N ALA A 318 18.65 -12.31 4.31
CA ALA A 318 17.86 -11.93 3.14
C ALA A 318 18.75 -11.86 1.89
N LYS A 319 18.20 -12.31 0.77
CA LYS A 319 18.91 -12.25 -0.49
C LYS A 319 18.35 -11.12 -1.33
N LEU A 320 19.02 -9.97 -1.27
CA LEU A 320 18.64 -8.81 -2.04
C LEU A 320 19.59 -8.69 -3.21
N THR A 321 19.05 -8.71 -4.42
CA THR A 321 19.90 -8.56 -5.61
C THR A 321 19.26 -7.60 -6.61
N ASP A 322 20.11 -6.90 -7.35
CA ASP A 322 19.66 -5.95 -8.38
CA ASP A 322 19.64 -5.98 -8.38
C ASP A 322 18.63 -4.98 -7.81
N ILE A 323 18.98 -4.40 -6.66
CA ILE A 323 18.19 -3.33 -6.06
C ILE A 323 18.82 -2.03 -6.55
N VAL A 324 18.01 -1.17 -7.15
CA VAL A 324 18.53 0.08 -7.71
C VAL A 324 17.80 1.25 -7.08
N VAL A 325 18.55 2.21 -6.58
CA VAL A 325 18.00 3.43 -5.99
C VAL A 325 18.63 4.53 -6.84
N SER A 326 17.81 5.21 -7.64
CA SER A 326 18.33 6.20 -8.58
C SER A 326 17.54 7.50 -8.58
N SER A 327 18.27 8.62 -8.66
CA SER A 327 17.68 9.94 -8.77
C SER A 327 16.75 10.26 -7.61
N PHE A 328 17.31 10.31 -6.41
CA PHE A 328 16.58 10.78 -5.24
C PHE A 328 17.03 12.21 -4.96
N SER A 329 16.06 13.08 -4.72
CA SER A 329 16.40 14.45 -4.34
C SER A 329 15.53 14.93 -3.19
N GLY A 330 15.88 16.08 -2.64
CA GLY A 330 15.10 16.70 -1.59
C GLY A 330 15.81 16.73 -0.26
N THR A 331 15.01 16.94 0.79
CA THR A 331 15.51 17.22 2.12
C THR A 331 14.74 16.35 3.10
N THR A 332 15.47 15.68 3.99
CA THR A 332 14.85 14.90 5.05
C THR A 332 14.39 15.82 6.19
N SER A 333 13.72 15.23 7.16
CA SER A 333 13.28 15.92 8.36
C SER A 333 14.44 16.15 9.34
N ASP A 334 14.16 16.86 10.43
CA ASP A 334 15.11 17.06 11.52
C ASP A 334 15.40 15.79 12.30
N LYS A 335 14.52 14.79 12.18
CA LYS A 335 14.52 13.70 13.14
C LYS A 335 15.85 12.97 13.28
N TYR A 336 16.43 12.58 12.16
CA TYR A 336 17.67 11.78 12.18
C TYR A 336 18.89 12.55 11.69
N ASP A 337 18.70 13.81 11.33
CA ASP A 337 19.77 14.71 10.92
C ASP A 337 21.01 14.42 11.78
N PRO A 338 22.17 14.14 11.16
CA PRO A 338 22.60 14.27 9.76
C PRO A 338 22.35 13.04 8.86
N VAL A 339 21.78 11.98 9.42
CA VAL A 339 21.58 10.72 8.70
C VAL A 339 20.37 10.83 7.78
N VAL A 340 20.58 10.54 6.49
CA VAL A 340 19.50 10.58 5.49
C VAL A 340 19.07 9.18 5.03
N ALA A 341 19.86 8.17 5.39
CA ALA A 341 19.55 6.77 5.03
C ALA A 341 20.18 5.82 6.02
N ASN A 342 19.49 4.72 6.30
CA ASN A 342 19.96 3.71 7.24
C ASN A 342 19.87 2.36 6.55
N LEU A 343 21.02 1.88 6.06
CA LEU A 343 21.05 0.67 5.25
C LEU A 343 21.61 -0.45 6.09
N ASP A 344 20.74 -1.06 6.89
CA ASP A 344 21.15 -2.13 7.78
C ASP A 344 20.95 -3.51 7.14
N CYS A 345 21.81 -3.86 6.18
CA CYS A 345 21.71 -5.19 5.58
C CYS A 345 22.09 -6.30 6.58
N GLY A 346 21.52 -7.48 6.40
CA GLY A 346 21.75 -8.60 7.31
C GLY A 346 23.16 -9.14 7.21
N ALA A 347 23.67 -9.66 8.31
CA ALA A 347 25.05 -10.14 8.37
C ALA A 347 25.32 -11.32 7.46
N ASP A 348 24.31 -12.17 7.27
CA ASP A 348 24.45 -13.38 6.45
C ASP A 348 23.75 -13.29 5.11
N GLY A 349 23.35 -12.08 4.72
CA GLY A 349 22.58 -11.95 3.49
C GLY A 349 23.38 -11.40 2.34
N THR A 350 22.67 -11.17 1.24
CA THR A 350 23.22 -10.50 0.09
C THR A 350 22.58 -9.13 0.03
N CYS A 351 23.41 -8.09 -0.16
CA CYS A 351 22.94 -6.72 -0.09
C CYS A 351 23.22 -6.04 -1.42
N GLY A 352 22.60 -6.55 -2.48
CA GLY A 352 22.92 -6.14 -3.84
C GLY A 352 22.21 -4.85 -4.21
N ILE A 353 22.61 -3.77 -3.55
CA ILE A 353 22.01 -2.45 -3.82
C ILE A 353 23.01 -1.50 -4.45
N SER A 354 22.57 -0.78 -5.47
CA SER A 354 23.37 0.24 -6.15
CA SER A 354 23.39 0.27 -6.04
C SER A 354 22.63 1.58 -6.09
N ILE A 355 23.31 2.63 -5.65
CA ILE A 355 22.70 3.94 -5.49
C ILE A 355 23.40 4.92 -6.42
N SER A 356 22.61 5.70 -7.15
CA SER A 356 23.16 6.74 -8.02
C SER A 356 22.26 7.98 -7.98
N GLY A 357 22.83 9.14 -8.30
CA GLY A 357 22.07 10.39 -8.28
C GLY A 357 21.35 10.60 -6.96
N PHE A 358 22.03 10.30 -5.87
CA PHE A 358 21.44 10.42 -4.54
C PHE A 358 21.81 11.79 -4.00
N ASP A 359 20.90 12.75 -4.14
CA ASP A 359 21.21 14.15 -3.86
C ASP A 359 20.46 14.68 -2.65
N VAL A 360 20.07 13.76 -1.76
CA VAL A 360 19.29 14.10 -0.59
C VAL A 360 20.15 14.62 0.56
N LYS A 361 19.70 15.70 1.19
CA LYS A 361 20.39 16.27 2.33
C LYS A 361 19.47 16.39 3.54
N ALA A 362 20.06 16.37 4.73
CA ALA A 362 19.35 16.67 5.96
C ALA A 362 19.18 18.21 6.02
N PRO A 363 18.31 18.72 6.92
CA PRO A 363 18.13 20.17 7.04
C PRO A 363 19.44 20.95 7.29
N SER A 364 20.36 20.37 8.07
CA SER A 364 21.69 20.94 8.30
C SER A 364 22.57 21.07 7.05
N GLY A 365 22.19 20.40 5.98
CA GLY A 365 22.99 20.35 4.76
C GLY A 365 23.87 19.10 4.68
N LYS A 366 23.98 18.37 5.78
CA LYS A 366 24.76 17.13 5.81
C LYS A 366 23.98 15.98 5.16
N SER A 367 24.66 14.87 4.86
CA SER A 367 24.04 13.73 4.17
C SER A 367 24.70 12.38 4.50
N GLU A 368 24.67 12.03 5.77
CA GLU A 368 25.28 10.81 6.24
C GLU A 368 24.41 9.59 5.90
N VAL A 369 25.04 8.52 5.45
CA VAL A 369 24.36 7.26 5.18
C VAL A 369 24.96 6.21 6.11
N LEU A 370 24.15 5.69 7.02
CA LEU A 370 24.58 4.62 7.90
C LEU A 370 24.49 3.30 7.15
N CYS A 371 25.53 2.47 7.28
CA CYS A 371 25.58 1.19 6.56
C CYS A 371 26.06 0.04 7.43
N ALA A 372 25.50 -1.13 7.20
CA ALA A 372 26.06 -2.38 7.68
C ALA A 372 25.91 -3.40 6.57
N ASN A 373 27.00 -4.12 6.26
CA ASN A 373 26.96 -5.22 5.29
C ASN A 373 26.59 -4.80 3.87
N THR A 374 26.96 -3.57 3.52
CA THR A 374 26.71 -3.02 2.20
C THR A 374 27.91 -3.30 1.29
N PRO A 375 27.67 -3.41 -0.01
CA PRO A 375 28.70 -3.84 -0.96
C PRO A 375 29.70 -2.73 -1.32
N SER A 376 30.85 -3.14 -1.86
CA SER A 376 31.89 -2.17 -2.23
C SER A 376 31.46 -1.22 -3.34
N ASP A 377 30.46 -1.60 -4.13
CA ASP A 377 30.05 -0.74 -5.24
C ASP A 377 28.72 -0.04 -4.94
N LEU A 378 28.48 0.26 -3.66
CA LEU A 378 27.20 0.85 -3.24
C LEU A 378 26.87 2.14 -3.98
N GLY A 379 27.84 3.05 -4.04
CA GLY A 379 27.67 4.29 -4.80
C GLY A 379 27.54 5.55 -3.99
N VAL A 380 27.51 5.43 -2.66
CA VAL A 380 27.56 6.57 -1.74
C VAL A 380 28.51 6.22 -0.60
N THR A 381 29.07 7.24 0.05
CA THR A 381 29.96 7.04 1.20
C THR A 381 29.18 6.54 2.41
N CYS A 382 29.71 5.51 3.05
CA CYS A 382 29.07 4.90 4.23
C CYS A 382 29.67 5.37 5.53
N THR A 383 28.82 5.34 6.56
CA THR A 383 29.23 5.56 7.94
C THR A 383 28.70 4.36 8.72
N SER A 384 29.53 3.82 9.61
CA SER A 384 29.12 2.67 10.40
C SER A 384 28.08 3.10 11.45
N GLY A 385 27.32 2.12 11.92
CA GLY A 385 26.34 2.35 12.96
C GLY A 385 24.90 2.17 12.50
N ALA A 386 24.71 1.54 11.35
CA ALA A 386 23.35 1.19 10.89
C ALA A 386 22.70 0.24 11.87
N SER A 387 21.37 0.30 11.99
CA SER A 387 20.66 -0.62 12.87
C SER A 387 19.23 -0.76 12.38
N GLY A 388 18.55 -1.81 12.82
CA GLY A 388 17.16 -2.06 12.42
C GLY A 388 17.00 -3.18 11.42
C1 NAG B . 12.89 -6.22 -13.76
C2 NAG B . 12.78 -7.12 -15.00
C3 NAG B . 12.05 -6.39 -16.13
C4 NAG B . 10.73 -5.78 -15.64
C5 NAG B . 10.97 -4.96 -14.36
C6 NAG B . 9.72 -4.33 -13.73
C7 NAG B . 14.62 -8.68 -15.36
C8 NAG B . 16.02 -8.83 -15.90
N2 NAG B . 14.11 -7.45 -15.46
O3 NAG B . 11.80 -7.32 -17.17
O4 NAG B . 10.21 -4.96 -16.68
O5 NAG B . 11.61 -5.76 -13.38
O6 NAG B . 8.67 -5.25 -13.59
O7 NAG B . 14.04 -9.64 -14.87
C1 NAG B . 8.83 -5.32 -16.94
C2 NAG B . 8.14 -4.18 -17.70
C3 NAG B . 6.77 -4.52 -18.26
C4 NAG B . 6.64 -5.96 -18.77
C5 NAG B . 7.34 -6.94 -17.84
C6 NAG B . 7.33 -8.36 -18.40
C7 NAG B . 8.79 -1.96 -16.95
C8 NAG B . 8.53 -0.82 -16.01
N2 NAG B . 7.99 -3.02 -16.85
O3 NAG B . 6.55 -3.66 -19.34
O4 NAG B . 5.26 -6.28 -18.91
O5 NAG B . 8.69 -6.55 -17.64
O6 NAG B . 8.08 -8.33 -19.61
O7 NAG B . 9.71 -1.91 -17.77
C1 MAN C . -30.22 3.87 -14.28
C2 MAN C . -29.63 3.69 -15.68
C3 MAN C . -28.53 4.72 -15.94
C4 MAN C . -28.98 6.13 -15.57
C5 MAN C . -29.57 6.17 -14.14
C6 MAN C . -30.10 7.54 -13.75
O2 MAN C . -30.67 3.87 -16.63
O3 MAN C . -28.17 4.65 -17.30
O4 MAN C . -27.87 6.99 -15.66
O5 MAN C . -30.61 5.22 -14.05
O6 MAN C . -31.29 7.80 -14.47
C1 NAG D . 4.22 18.16 6.63
C2 NAG D . 2.86 18.83 6.49
C3 NAG D . 2.91 20.30 6.87
C4 NAG D . 3.57 20.50 8.23
C5 NAG D . 4.95 19.81 8.18
C6 NAG D . 5.72 19.97 9.48
C7 NAG D . 1.34 18.25 4.68
C8 NAG D . 1.16 18.32 3.19
N2 NAG D . 2.47 18.76 5.10
O3 NAG D . 1.60 20.82 6.86
O4 NAG D . 3.72 21.88 8.52
O5 NAG D . 4.76 18.42 7.90
O6 NAG D . 4.97 19.38 10.53
O7 NAG D . 0.47 17.75 5.43
S SO4 E . 4.17 -5.24 8.01
O1 SO4 E . 4.07 -3.89 8.60
O2 SO4 E . 4.82 -6.13 9.00
O3 SO4 E . 4.97 -5.09 6.78
O4 SO4 E . 2.83 -5.78 7.73
S SO4 F . -15.70 -12.26 6.45
O1 SO4 F . -15.67 -12.42 7.92
O2 SO4 F . -16.31 -13.48 5.88
O3 SO4 F . -14.30 -12.11 5.98
O4 SO4 F . -16.51 -11.07 6.07
S SO4 G . -14.29 15.51 3.16
O1 SO4 G . -12.82 15.40 2.96
O2 SO4 G . -15.04 14.68 2.18
O3 SO4 G . -14.69 16.91 2.98
O4 SO4 G . -14.60 15.06 4.53
S SO4 H . 6.72 0.29 10.00
O1 SO4 H . 6.72 0.79 11.39
O2 SO4 H . 7.52 -0.96 9.93
O3 SO4 H . 7.36 1.31 9.13
O4 SO4 H . 5.34 0.04 9.50
S SO4 I . 14.63 9.75 -15.68
O1 SO4 I . 14.38 11.06 -15.03
O2 SO4 I . 16.09 9.52 -15.77
O3 SO4 I . 14.04 9.74 -17.04
O4 SO4 I . 14.00 8.67 -14.88
S SO4 J . 12.64 -14.14 -12.20
O1 SO4 J . 13.52 -13.50 -11.19
O2 SO4 J . 13.50 -14.64 -13.31
O3 SO4 J . 11.67 -13.17 -12.75
O4 SO4 J . 11.92 -15.26 -11.55
S SO4 K . -26.88 -11.56 -20.10
O1 SO4 K . -25.99 -10.37 -20.30
O2 SO4 K . -26.22 -12.49 -19.15
O3 SO4 K . -27.08 -12.23 -21.41
O4 SO4 K . -28.18 -11.12 -19.57
C1 GOL L . -17.37 11.57 7.78
O1 GOL L . -17.88 10.66 6.79
C2 GOL L . -17.32 13.02 7.31
O2 GOL L . -15.99 13.35 6.88
C3 GOL L . -18.27 13.28 6.14
O3 GOL L . -19.61 13.40 6.63
#